data_6JC2
#
_entry.id   6JC2
#
_cell.length_a   119.614
_cell.length_b   119.614
_cell.length_c   82.597
_cell.angle_alpha   90.000
_cell.angle_beta   90.000
_cell.angle_gamma   90.000
#
_symmetry.space_group_name_H-M   'P 43 21 2'
#
loop_
_entity.id
_entity.type
_entity.pdbx_description
1 polymer 'ipilimumab fab heavy chain'
2 polymer 'ipilimumab fab light chain'
3 non-polymer 'SULFATE ION'
4 water water
#
loop_
_entity_poly.entity_id
_entity_poly.type
_entity_poly.pdbx_seq_one_letter_code
_entity_poly.pdbx_strand_id
1 'polypeptide(L)'
;QVQLVESGGGVVQPGRSLRLSCAASGFTFSSYTMHWVRQAPGKGLEWVTFISYDGNNKYYADSVKGRFTISRDNSKNTLY
LQMNSLRAEDTAIYYCARTGWLGPFDYWGQGTLVTVSSASTKGPSVFPLAPSSKSTSGGTAALGCLVKDYFPEPVTVSWN
SGALTSGVHTFPAVLQSSGLYSLSSVVTVPSSSLGTQTYICNVNHKPSNTKVDKKVEPKSCDKTHHHHHH
;
H
2 'polypeptide(L)'
;EIVLTQSPGTLSLSPGERATLSCRASQSVGSSYLAWYQQKPGQAPRLLIYGAFSRATGIPDRFSGSGSGTDFTLTISRLE
PEDFAVYYCQQYGSSPWTFGQGTKVEIKRTVAAPSVFIFPPSDEQLKSGTASVVCLLNNFYPREAKVQWKVDNALQSGNS
QESVTEQDSKDSTYSLSSTLTLSKADYEKHKVYACEVTHQGLSSPVTKSFNRGEC
;
L
#
loop_
_chem_comp.id
_chem_comp.type
_chem_comp.name
_chem_comp.formula
SO4 non-polymer 'SULFATE ION' 'O4 S -2'
#
# COMPACT_ATOMS: atom_id res chain seq x y z
N GLN A 1 -20.28 -16.39 13.19
CA GLN A 1 -21.37 -15.49 13.59
C GLN A 1 -21.97 -14.78 12.39
N VAL A 2 -21.82 -13.46 12.38
CA VAL A 2 -22.25 -12.61 11.28
C VAL A 2 -21.09 -12.51 10.30
N GLN A 3 -21.31 -12.95 9.06
CA GLN A 3 -20.28 -12.86 8.03
C GLN A 3 -20.83 -12.16 6.79
N LEU A 4 -19.97 -11.36 6.17
CA LEU A 4 -20.24 -10.74 4.88
C LEU A 4 -19.17 -11.22 3.90
N VAL A 5 -19.59 -11.75 2.76
CA VAL A 5 -18.69 -12.40 1.81
C VAL A 5 -18.88 -11.75 0.44
N GLU A 6 -17.78 -11.27 -0.14
CA GLU A 6 -17.79 -10.52 -1.38
C GLU A 6 -17.16 -11.33 -2.51
N SER A 7 -17.69 -11.14 -3.73
CA SER A 7 -17.36 -12.09 -4.78
C SER A 7 -16.94 -11.47 -6.11
N GLY A 8 -17.36 -10.24 -6.40
CA GLY A 8 -17.38 -9.81 -7.79
C GLY A 8 -16.15 -9.12 -8.37
N GLY A 9 -15.03 -9.06 -7.65
CA GLY A 9 -13.90 -8.25 -8.10
C GLY A 9 -13.25 -8.79 -9.36
N GLY A 10 -12.34 -7.99 -9.92
CA GLY A 10 -11.62 -8.39 -11.11
C GLY A 10 -10.92 -7.21 -11.77
N VAL A 11 -10.37 -7.50 -12.95
CA VAL A 11 -9.63 -6.54 -13.77
C VAL A 11 -10.41 -6.29 -15.06
N VAL A 12 -10.65 -5.02 -15.37
CA VAL A 12 -11.41 -4.62 -16.55
C VAL A 12 -10.85 -3.34 -17.14
N GLN A 13 -11.16 -3.12 -18.42
CA GLN A 13 -10.80 -1.90 -19.12
C GLN A 13 -11.73 -0.75 -18.71
N PRO A 14 -11.27 0.50 -18.86
CA PRO A 14 -12.14 1.64 -18.55
C PRO A 14 -13.36 1.67 -19.46
N GLY A 15 -14.42 2.31 -18.97
CA GLY A 15 -15.68 2.41 -19.68
C GLY A 15 -16.57 1.20 -19.57
N ARG A 16 -16.15 0.13 -18.90
CA ARG A 16 -16.89 -1.13 -18.87
C ARG A 16 -17.77 -1.22 -17.61
N SER A 17 -18.41 -2.39 -17.46
CA SER A 17 -19.30 -2.67 -16.35
C SER A 17 -18.76 -3.83 -15.51
N LEU A 18 -19.19 -3.87 -14.26
CA LEU A 18 -18.75 -4.90 -13.34
C LEU A 18 -19.70 -4.89 -12.15
N ARG A 19 -20.23 -6.05 -11.78
CA ARG A 19 -21.16 -6.16 -10.67
C ARG A 19 -20.52 -6.87 -9.50
N LEU A 20 -20.51 -6.20 -8.34
CA LEU A 20 -20.03 -6.78 -7.09
C LEU A 20 -21.24 -7.31 -6.32
N SER A 21 -21.03 -8.42 -5.61
CA SER A 21 -22.06 -9.02 -4.77
C SER A 21 -21.49 -9.25 -3.37
N CYS A 22 -22.36 -9.16 -2.36
CA CYS A 22 -21.98 -9.35 -0.97
C CYS A 22 -23.04 -10.25 -0.34
N ALA A 23 -22.71 -11.53 -0.16
CA ALA A 23 -23.61 -12.48 0.48
C ALA A 23 -23.47 -12.38 1.99
N ALA A 24 -24.60 -12.28 2.68
CA ALA A 24 -24.63 -12.05 4.11
C ALA A 24 -25.35 -13.19 4.82
N SER A 25 -24.85 -13.53 6.01
CA SER A 25 -25.43 -14.57 6.82
C SER A 25 -25.17 -14.26 8.29
N GLY A 26 -25.82 -15.01 9.16
CA GLY A 26 -25.67 -14.86 10.59
C GLY A 26 -26.52 -13.79 11.24
N PHE A 27 -27.35 -13.09 10.47
CA PHE A 27 -28.27 -12.10 11.02
C PHE A 27 -29.45 -11.95 10.08
N THR A 28 -30.46 -11.23 10.54
CA THR A 28 -31.64 -10.95 9.72
C THR A 28 -31.29 -9.84 8.74
N PHE A 29 -31.07 -10.21 7.47
CA PHE A 29 -30.48 -9.29 6.50
C PHE A 29 -31.32 -8.03 6.35
N SER A 30 -32.63 -8.18 6.22
CA SER A 30 -33.50 -7.08 5.84
C SER A 30 -33.87 -6.17 7.00
N SER A 31 -33.13 -6.23 8.11
CA SER A 31 -33.33 -5.33 9.23
C SER A 31 -32.24 -4.28 9.38
N TYR A 32 -31.12 -4.43 8.66
CA TYR A 32 -30.03 -3.47 8.69
C TYR A 32 -29.89 -2.79 7.34
N THR A 33 -29.33 -1.58 7.37
CA THR A 33 -28.93 -0.90 6.15
C THR A 33 -27.47 -1.21 5.84
N MET A 34 -27.12 -1.11 4.55
CA MET A 34 -25.83 -1.59 4.05
C MET A 34 -25.12 -0.49 3.28
N HIS A 35 -23.78 -0.60 3.23
CA HIS A 35 -22.93 0.33 2.53
C HIS A 35 -21.91 -0.40 1.67
N TRP A 36 -21.38 0.31 0.68
CA TRP A 36 -20.13 -0.06 0.02
C TRP A 36 -19.09 1.00 0.36
N VAL A 37 -17.90 0.56 0.75
CA VAL A 37 -16.80 1.45 1.11
C VAL A 37 -15.57 0.99 0.35
N ARG A 38 -14.85 1.93 -0.27
CA ARG A 38 -13.72 1.56 -1.10
C ARG A 38 -12.44 2.23 -0.60
N GLN A 39 -11.32 1.61 -0.94
CA GLN A 39 -10.01 2.02 -0.47
C GLN A 39 -9.02 1.87 -1.62
N ALA A 40 -8.55 2.98 -2.16
CA ALA A 40 -7.59 2.95 -3.24
C ALA A 40 -6.25 2.41 -2.74
N PRO A 41 -5.39 1.95 -3.65
CA PRO A 41 -4.09 1.39 -3.22
C PRO A 41 -3.27 2.40 -2.44
N GLY A 42 -2.94 2.04 -1.20
CA GLY A 42 -2.12 2.88 -0.35
C GLY A 42 -2.79 4.12 0.17
N LYS A 43 -4.10 4.25 -0.01
CA LYS A 43 -4.84 5.43 0.39
C LYS A 43 -5.88 5.06 1.43
N GLY A 44 -6.61 6.08 1.89
CA GLY A 44 -7.57 5.92 2.96
C GLY A 44 -8.87 5.29 2.50
N LEU A 45 -9.84 5.31 3.40
CA LEU A 45 -11.17 4.77 3.14
C LEU A 45 -12.09 5.87 2.62
N GLU A 46 -13.02 5.48 1.76
CA GLU A 46 -13.96 6.42 1.16
C GLU A 46 -15.32 5.76 1.03
N TRP A 47 -16.33 6.37 1.66
CA TRP A 47 -17.70 5.91 1.51
C TRP A 47 -18.15 6.05 0.06
N VAL A 48 -18.86 5.05 -0.44
CA VAL A 48 -19.28 4.98 -1.84
C VAL A 48 -20.78 5.15 -1.97
N THR A 49 -21.56 4.27 -1.34
CA THR A 49 -23.00 4.27 -1.54
C THR A 49 -23.69 3.60 -0.36
N PHE A 50 -24.96 3.96 -0.18
CA PHE A 50 -25.78 3.51 0.94
C PHE A 50 -27.12 3.04 0.40
N ILE A 51 -27.67 2.00 1.04
CA ILE A 51 -29.01 1.50 0.72
C ILE A 51 -29.73 1.15 2.01
N SER A 52 -31.02 1.47 2.06
CA SER A 52 -31.82 1.24 3.24
C SER A 52 -32.29 -0.22 3.28
N TYR A 53 -33.18 -0.54 4.22
CA TYR A 53 -33.68 -1.90 4.30
C TYR A 53 -34.74 -2.14 3.23
N ASP A 54 -35.75 -1.27 3.18
CA ASP A 54 -36.77 -1.33 2.14
C ASP A 54 -36.13 -1.44 0.75
N GLY A 55 -35.18 -0.55 0.45
CA GLY A 55 -34.64 -0.40 -0.88
C GLY A 55 -35.03 0.89 -1.55
N ASN A 56 -35.79 1.75 -0.86
CA ASN A 56 -36.36 2.96 -1.43
C ASN A 56 -35.49 4.20 -1.21
N ASN A 57 -34.33 4.05 -0.58
CA ASN A 57 -33.42 5.16 -0.35
C ASN A 57 -32.01 4.71 -0.70
N LYS A 58 -31.48 5.22 -1.81
CA LYS A 58 -30.11 4.97 -2.24
C LYS A 58 -29.39 6.30 -2.32
N TYR A 59 -28.20 6.37 -1.73
CA TYR A 59 -27.38 7.57 -1.74
C TYR A 59 -25.99 7.22 -2.26
N TYR A 60 -25.38 8.16 -2.98
CA TYR A 60 -24.14 7.93 -3.69
C TYR A 60 -23.19 9.09 -3.48
N ALA A 61 -21.91 8.79 -3.25
CA ALA A 61 -20.90 9.82 -3.29
C ALA A 61 -20.86 10.46 -4.67
N ASP A 62 -20.44 11.73 -4.73
CA ASP A 62 -20.41 12.44 -5.99
C ASP A 62 -19.46 11.79 -6.99
N SER A 63 -18.44 11.10 -6.48
CA SER A 63 -17.50 10.40 -7.34
C SER A 63 -18.19 9.40 -8.27
N VAL A 64 -19.33 8.84 -7.85
CA VAL A 64 -19.89 7.68 -8.52
C VAL A 64 -21.36 7.86 -8.91
N LYS A 65 -21.99 8.99 -8.59
CA LYS A 65 -23.39 9.16 -8.93
C LYS A 65 -23.56 9.18 -10.45
N GLY A 66 -24.56 8.44 -10.93
CA GLY A 66 -24.81 8.33 -12.35
C GLY A 66 -24.11 7.16 -13.01
N ARG A 67 -23.23 6.48 -12.30
CA ARG A 67 -22.44 5.40 -12.88
C ARG A 67 -22.55 4.12 -12.06
N PHE A 68 -22.79 4.26 -10.76
CA PHE A 68 -22.89 3.13 -9.84
C PHE A 68 -24.33 2.97 -9.36
N THR A 69 -24.77 1.73 -9.24
CA THR A 69 -26.14 1.41 -8.80
C THR A 69 -26.08 0.40 -7.66
N ILE A 70 -26.48 0.83 -6.48
CA ILE A 70 -26.60 -0.09 -5.34
C ILE A 70 -27.99 -0.71 -5.37
N SER A 71 -28.05 -1.98 -4.99
CA SER A 71 -29.33 -2.68 -4.93
C SER A 71 -29.20 -3.83 -3.94
N ARG A 72 -30.35 -4.31 -3.48
CA ARG A 72 -30.36 -5.43 -2.53
C ARG A 72 -31.52 -6.35 -2.86
N ASP A 73 -31.29 -7.64 -2.66
CA ASP A 73 -32.34 -8.64 -2.71
C ASP A 73 -32.37 -9.35 -1.37
N ASN A 74 -33.40 -9.04 -0.56
CA ASN A 74 -33.48 -9.62 0.76
C ASN A 74 -33.87 -11.09 0.72
N SER A 75 -34.58 -11.52 -0.32
CA SER A 75 -34.97 -12.92 -0.43
C SER A 75 -33.77 -13.84 -0.64
N LYS A 76 -32.63 -13.29 -1.06
CA LYS A 76 -31.40 -14.06 -1.17
C LYS A 76 -30.31 -13.58 -0.22
N ASN A 77 -30.58 -12.56 0.59
CA ASN A 77 -29.61 -12.01 1.55
C ASN A 77 -28.34 -11.54 0.84
N THR A 78 -28.52 -10.69 -0.17
CA THR A 78 -27.41 -10.24 -0.98
C THR A 78 -27.50 -8.75 -1.25
N LEU A 79 -26.38 -8.06 -1.08
CA LEU A 79 -26.23 -6.67 -1.50
C LEU A 79 -25.44 -6.63 -2.81
N TYR A 80 -25.85 -5.73 -3.72
CA TYR A 80 -25.22 -5.61 -5.03
C TYR A 80 -24.74 -4.18 -5.28
N LEU A 81 -23.65 -4.08 -6.03
CA LEU A 81 -23.19 -2.82 -6.60
C LEU A 81 -22.92 -3.03 -8.08
N GLN A 82 -23.78 -2.48 -8.93
CA GLN A 82 -23.55 -2.46 -10.37
C GLN A 82 -22.71 -1.23 -10.71
N MET A 83 -21.51 -1.45 -11.20
CA MET A 83 -20.57 -0.39 -11.56
C MET A 83 -20.54 -0.24 -13.07
N ASN A 84 -20.82 0.98 -13.55
CA ASN A 84 -20.86 1.25 -14.99
C ASN A 84 -19.91 2.41 -15.31
N SER A 85 -19.57 2.53 -16.59
CA SER A 85 -18.67 3.58 -17.07
C SER A 85 -17.43 3.69 -16.18
N LEU A 86 -16.77 2.55 -15.99
CA LEU A 86 -15.68 2.48 -15.03
C LEU A 86 -14.50 3.35 -15.48
N ARG A 87 -13.83 3.94 -14.49
CA ARG A 87 -12.66 4.78 -14.71
C ARG A 87 -11.48 4.21 -13.93
N ALA A 88 -10.27 4.56 -14.38
CA ALA A 88 -9.06 4.12 -13.68
C ALA A 88 -9.10 4.49 -12.20
N GLU A 89 -9.59 5.70 -11.90
CA GLU A 89 -9.66 6.16 -10.52
C GLU A 89 -10.59 5.32 -9.65
N ASP A 90 -11.41 4.46 -10.26
CA ASP A 90 -12.24 3.55 -9.48
C ASP A 90 -11.46 2.36 -8.92
N THR A 91 -10.18 2.26 -9.23
CA THR A 91 -9.39 1.12 -8.79
C THR A 91 -9.23 1.15 -7.28
N ALA A 92 -9.79 0.14 -6.61
CA ALA A 92 -9.75 0.09 -5.16
C ALA A 92 -10.22 -1.28 -4.69
N ILE A 93 -9.99 -1.56 -3.41
CA ILE A 93 -10.67 -2.66 -2.74
C ILE A 93 -12.04 -2.15 -2.30
N TYR A 94 -13.08 -2.90 -2.62
CA TYR A 94 -14.44 -2.53 -2.27
C TYR A 94 -14.95 -3.44 -1.15
N TYR A 95 -15.39 -2.82 -0.06
CA TYR A 95 -15.96 -3.51 1.08
C TYR A 95 -17.47 -3.25 1.15
N CYS A 96 -18.23 -4.28 1.48
CA CYS A 96 -19.58 -4.06 1.99
C CYS A 96 -19.51 -3.93 3.50
N ALA A 97 -20.40 -3.11 4.06
CA ALA A 97 -20.39 -2.86 5.49
C ALA A 97 -21.82 -2.67 5.98
N ARG A 98 -22.05 -3.09 7.22
CA ARG A 98 -23.36 -3.02 7.85
C ARG A 98 -23.38 -1.92 8.88
N THR A 99 -24.50 -1.18 8.94
CA THR A 99 -24.70 -0.18 9.98
C THR A 99 -25.40 -0.84 11.17
N GLY A 100 -24.71 -0.92 12.29
CA GLY A 100 -25.35 -1.39 13.51
C GLY A 100 -26.56 -0.53 13.85
N TRP A 101 -27.39 -1.06 14.74
CA TRP A 101 -28.54 -0.31 15.20
C TRP A 101 -28.12 1.06 15.75
N LEU A 102 -26.94 1.12 16.36
CA LEU A 102 -26.48 2.35 17.01
C LEU A 102 -25.85 3.35 16.04
N GLY A 103 -25.38 2.90 14.88
CA GLY A 103 -25.00 3.81 13.82
C GLY A 103 -23.70 3.60 13.07
N PRO A 104 -22.64 3.09 13.69
CA PRO A 104 -21.37 2.92 12.99
C PRO A 104 -21.39 1.67 12.10
N PHE A 105 -20.26 1.46 11.43
CA PHE A 105 -20.09 0.30 10.53
C PHE A 105 -19.53 -0.84 11.37
N ASP A 106 -20.43 -1.68 11.88
CA ASP A 106 -20.04 -2.68 12.87
C ASP A 106 -19.50 -3.97 12.25
N TYR A 107 -19.85 -4.28 11.00
CA TYR A 107 -19.37 -5.50 10.36
C TYR A 107 -18.96 -5.21 8.93
N TRP A 108 -17.77 -5.66 8.55
CA TRP A 108 -17.23 -5.43 7.23
C TRP A 108 -17.01 -6.75 6.50
N GLY A 109 -17.22 -6.73 5.20
CA GLY A 109 -16.85 -7.85 4.37
C GLY A 109 -15.33 -7.94 4.24
N GLN A 110 -14.88 -8.94 3.48
CA GLN A 110 -13.45 -9.18 3.38
C GLN A 110 -12.78 -8.34 2.30
N GLY A 111 -13.54 -7.88 1.30
CA GLY A 111 -13.00 -6.98 0.29
C GLY A 111 -12.65 -7.67 -1.01
N THR A 112 -13.25 -7.25 -2.11
CA THR A 112 -12.84 -7.65 -3.44
C THR A 112 -12.05 -6.52 -4.09
N LEU A 113 -10.97 -6.88 -4.77
CA LEU A 113 -10.15 -5.91 -5.48
C LEU A 113 -10.71 -5.68 -6.88
N VAL A 114 -10.78 -4.42 -7.27
CA VAL A 114 -11.24 -4.03 -8.60
C VAL A 114 -10.18 -3.15 -9.23
N THR A 115 -9.66 -3.56 -10.38
CA THR A 115 -8.63 -2.84 -11.09
C THR A 115 -9.16 -2.40 -12.43
N VAL A 116 -9.01 -1.13 -12.75
CA VAL A 116 -9.49 -0.59 -14.02
C VAL A 116 -8.27 -0.03 -14.74
N SER A 117 -7.87 -0.70 -15.82
CA SER A 117 -6.76 -0.25 -16.64
C SER A 117 -7.02 -0.66 -18.08
N SER A 118 -6.48 0.11 -19.00
CA SER A 118 -6.60 -0.21 -20.42
C SER A 118 -5.48 -1.12 -20.90
N ALA A 119 -4.54 -1.46 -20.02
CA ALA A 119 -3.46 -2.37 -20.36
C ALA A 119 -3.99 -3.78 -20.56
N SER A 120 -3.21 -4.60 -21.26
CA SER A 120 -3.48 -6.01 -21.44
C SER A 120 -2.49 -6.81 -20.60
N THR A 121 -2.90 -8.02 -20.24
CA THR A 121 -2.02 -8.90 -19.47
C THR A 121 -0.67 -9.02 -20.16
N LYS A 122 0.40 -8.81 -19.40
CA LYS A 122 1.74 -8.78 -19.96
C LYS A 122 2.74 -9.32 -18.95
N GLY A 123 3.55 -10.28 -19.37
CA GLY A 123 4.60 -10.79 -18.54
C GLY A 123 5.74 -9.81 -18.44
N PRO A 124 6.53 -9.93 -17.37
CA PRO A 124 7.57 -8.92 -17.13
C PRO A 124 8.86 -9.21 -17.89
N SER A 125 9.69 -8.19 -17.97
CA SER A 125 11.07 -8.33 -18.41
C SER A 125 11.97 -8.32 -17.19
N VAL A 126 12.86 -9.29 -17.09
CA VAL A 126 13.68 -9.50 -15.90
C VAL A 126 15.13 -9.24 -16.27
N PHE A 127 15.77 -8.30 -15.57
CA PHE A 127 17.16 -7.98 -15.78
C PHE A 127 17.92 -8.11 -14.47
N PRO A 128 19.18 -8.54 -14.52
CA PRO A 128 19.96 -8.70 -13.29
C PRO A 128 20.55 -7.39 -12.82
N LEU A 129 20.58 -7.22 -11.50
CA LEU A 129 21.27 -6.10 -10.84
C LEU A 129 22.58 -6.68 -10.30
N ALA A 130 23.64 -6.55 -11.09
CA ALA A 130 24.89 -7.22 -10.77
C ALA A 130 25.60 -6.52 -9.61
N PRO A 131 26.29 -7.28 -8.77
CA PRO A 131 27.12 -6.68 -7.72
C PRO A 131 28.52 -6.33 -8.23
N SER A 132 29.20 -5.49 -7.45
CA SER A 132 30.59 -5.13 -7.75
C SER A 132 31.34 -4.76 -6.47
N GLY A 139 32.93 -6.32 3.04
CA GLY A 139 32.34 -7.45 3.75
C GLY A 139 31.04 -7.94 3.14
N THR A 140 30.09 -7.02 2.95
CA THR A 140 28.78 -7.35 2.42
C THR A 140 28.56 -6.72 1.06
N ALA A 141 27.83 -7.42 0.21
CA ALA A 141 27.54 -6.98 -1.15
C ALA A 141 26.04 -7.14 -1.41
N ALA A 142 25.58 -6.54 -2.50
CA ALA A 142 24.17 -6.57 -2.85
C ALA A 142 24.03 -6.90 -4.32
N LEU A 143 22.98 -7.65 -4.63
CA LEU A 143 22.62 -7.98 -6.01
C LEU A 143 21.12 -8.16 -6.05
N GLY A 144 20.54 -7.93 -7.23
CA GLY A 144 19.10 -7.91 -7.30
C GLY A 144 18.54 -8.20 -8.67
N CYS A 145 17.25 -7.93 -8.79
CA CYS A 145 16.45 -8.22 -9.98
C CYS A 145 15.53 -7.07 -10.32
N LEU A 146 15.59 -6.63 -11.56
CA LEU A 146 14.66 -5.64 -12.08
C LEU A 146 13.54 -6.38 -12.80
N VAL A 147 12.34 -6.33 -12.23
CA VAL A 147 11.15 -6.97 -12.79
C VAL A 147 10.31 -5.84 -13.37
N LYS A 148 10.33 -5.71 -14.70
CA LYS A 148 9.90 -4.50 -15.38
C LYS A 148 8.75 -4.76 -16.35
N ASP A 149 7.81 -3.82 -16.39
CA ASP A 149 6.76 -3.73 -17.41
C ASP A 149 5.88 -5.00 -17.46
N TYR A 150 5.18 -5.25 -16.36
CA TYR A 150 4.20 -6.31 -16.28
C TYR A 150 2.84 -5.75 -15.86
N PHE A 151 1.79 -6.54 -16.14
CA PHE A 151 0.43 -6.18 -15.77
C PHE A 151 -0.43 -7.43 -15.83
N PRO A 152 -1.28 -7.68 -14.84
CA PRO A 152 -1.43 -6.82 -13.67
C PRO A 152 -0.62 -7.33 -12.50
N GLU A 153 -0.80 -6.72 -11.33
CA GLU A 153 -0.28 -7.29 -10.11
C GLU A 153 -0.97 -8.64 -9.86
N PRO A 154 -0.34 -9.53 -9.08
CA PRO A 154 0.99 -9.45 -8.49
C PRO A 154 2.06 -10.24 -9.23
N VAL A 155 3.22 -10.29 -8.58
CA VAL A 155 4.40 -10.99 -9.07
C VAL A 155 5.08 -11.62 -7.87
N THR A 156 5.51 -12.87 -8.01
CA THR A 156 6.18 -13.58 -6.94
C THR A 156 7.66 -13.67 -7.26
N VAL A 157 8.49 -13.14 -6.37
CA VAL A 157 9.94 -13.20 -6.51
C VAL A 157 10.48 -14.08 -5.39
N SER A 158 11.33 -15.04 -5.75
CA SER A 158 12.03 -15.88 -4.80
C SER A 158 13.47 -16.03 -5.27
N TRP A 159 14.35 -16.36 -4.33
CA TRP A 159 15.78 -16.45 -4.60
C TRP A 159 16.25 -17.88 -4.38
N ASN A 160 16.97 -18.42 -5.37
CA ASN A 160 17.44 -19.80 -5.35
C ASN A 160 16.29 -20.76 -5.03
N SER A 161 15.14 -20.51 -5.65
CA SER A 161 13.96 -21.36 -5.52
C SER A 161 13.49 -21.44 -4.07
N GLY A 162 13.51 -20.30 -3.37
CA GLY A 162 13.12 -20.23 -1.98
C GLY A 162 14.18 -20.67 -1.00
N ALA A 163 15.33 -21.14 -1.46
CA ALA A 163 16.41 -21.55 -0.57
C ALA A 163 17.14 -20.38 0.07
N LEU A 164 16.85 -19.15 -0.36
CA LEU A 164 17.53 -17.96 0.14
C LEU A 164 16.46 -16.94 0.53
N THR A 165 16.32 -16.70 1.83
CA THR A 165 15.33 -15.79 2.37
C THR A 165 15.92 -14.68 3.22
N SER A 166 16.97 -14.99 3.98
CA SER A 166 17.63 -13.99 4.81
C SER A 166 18.24 -12.90 3.94
N GLY A 167 17.83 -11.66 4.18
CA GLY A 167 18.39 -10.53 3.47
C GLY A 167 17.61 -10.07 2.26
N VAL A 168 16.49 -10.71 1.94
CA VAL A 168 15.77 -10.42 0.71
C VAL A 168 14.81 -9.28 0.94
N HIS A 169 14.87 -8.27 0.06
CA HIS A 169 13.90 -7.18 0.04
C HIS A 169 13.27 -7.13 -1.34
N THR A 170 11.97 -7.41 -1.40
CA THR A 170 11.19 -7.24 -2.62
C THR A 170 10.32 -6.01 -2.41
N PHE A 171 10.60 -4.95 -3.16
CA PHE A 171 9.94 -3.67 -2.99
C PHE A 171 8.55 -3.68 -3.61
N PRO A 172 7.64 -2.86 -3.09
CA PRO A 172 6.32 -2.72 -3.73
C PRO A 172 6.46 -2.16 -5.12
N ALA A 173 5.55 -2.56 -6.00
CA ALA A 173 5.61 -2.15 -7.39
C ALA A 173 5.14 -0.71 -7.56
N VAL A 174 5.90 0.07 -8.33
CA VAL A 174 5.47 1.40 -8.74
C VAL A 174 4.76 1.28 -10.08
N LEU A 175 3.68 2.03 -10.24
CA LEU A 175 2.95 2.09 -11.50
C LEU A 175 3.64 3.11 -12.42
N GLN A 176 3.94 2.70 -13.63
CA GLN A 176 4.60 3.57 -14.59
C GLN A 176 3.58 4.27 -15.48
N SER A 177 4.04 5.28 -16.21
CA SER A 177 3.14 6.06 -17.05
C SER A 177 2.39 5.20 -18.08
N SER A 178 2.96 4.05 -18.45
CA SER A 178 2.39 3.21 -19.48
C SER A 178 1.15 2.44 -19.02
N GLY A 179 0.94 2.29 -17.72
CA GLY A 179 -0.07 1.39 -17.21
C GLY A 179 0.49 0.10 -16.67
N LEU A 180 1.74 -0.22 -16.97
CA LEU A 180 2.42 -1.40 -16.49
C LEU A 180 3.18 -1.11 -15.20
N TYR A 181 3.25 -2.13 -14.36
CA TYR A 181 3.96 -2.03 -13.10
C TYR A 181 5.42 -2.43 -13.29
N SER A 182 6.26 -2.00 -12.36
CA SER A 182 7.66 -2.33 -12.35
C SER A 182 8.10 -2.47 -10.90
N LEU A 183 9.10 -3.32 -10.68
CA LEU A 183 9.41 -3.78 -9.34
C LEU A 183 10.87 -4.18 -9.28
N SER A 184 11.42 -4.15 -8.06
CA SER A 184 12.79 -4.54 -7.81
C SER A 184 12.85 -5.46 -6.60
N SER A 185 13.66 -6.51 -6.69
CA SER A 185 13.96 -7.37 -5.57
C SER A 185 15.46 -7.44 -5.41
N VAL A 186 15.94 -7.35 -4.17
CA VAL A 186 17.36 -7.37 -3.89
C VAL A 186 17.63 -8.28 -2.71
N VAL A 187 18.90 -8.60 -2.52
CA VAL A 187 19.33 -9.39 -1.37
C VAL A 187 20.80 -9.05 -1.12
N THR A 188 21.14 -8.86 0.14
CA THR A 188 22.53 -8.69 0.53
C THR A 188 23.11 -10.03 0.92
N VAL A 189 24.40 -10.21 0.64
CA VAL A 189 25.09 -11.48 0.88
C VAL A 189 26.50 -11.19 1.33
N PRO A 190 27.14 -12.15 2.03
CA PRO A 190 28.58 -12.05 2.25
C PRO A 190 29.31 -11.89 0.92
N SER A 191 30.06 -10.79 0.77
CA SER A 191 30.75 -10.53 -0.49
C SER A 191 31.74 -11.63 -0.85
N SER A 192 32.21 -12.40 0.14
CA SER A 192 33.11 -13.52 -0.09
C SER A 192 32.46 -14.65 -0.88
N SER A 193 31.16 -14.59 -1.15
CA SER A 193 30.47 -15.67 -1.84
C SER A 193 30.22 -15.37 -3.31
N LEU A 194 30.49 -14.14 -3.77
CA LEU A 194 30.12 -13.75 -5.13
C LEU A 194 30.80 -14.62 -6.18
N GLY A 195 31.95 -15.19 -5.86
CA GLY A 195 32.66 -16.02 -6.81
C GLY A 195 32.27 -17.48 -6.77
N THR A 196 31.67 -17.92 -5.67
CA THR A 196 31.40 -19.33 -5.48
C THR A 196 29.92 -19.68 -5.43
N GLN A 197 29.10 -18.87 -4.78
CA GLN A 197 27.68 -19.15 -4.67
C GLN A 197 26.94 -18.59 -5.88
N THR A 198 26.01 -19.38 -6.42
CA THR A 198 25.20 -18.94 -7.54
C THR A 198 23.89 -18.35 -7.01
N TYR A 199 23.51 -17.21 -7.56
CA TYR A 199 22.31 -16.50 -7.11
C TYR A 199 21.35 -16.39 -8.29
N ILE A 200 20.24 -17.10 -8.21
CA ILE A 200 19.28 -17.16 -9.32
C ILE A 200 17.97 -16.53 -8.88
N CYS A 201 17.59 -15.51 -9.61
CA CYS A 201 16.29 -14.88 -9.47
C CYS A 201 15.19 -15.81 -9.99
N ASN A 202 14.12 -15.95 -9.22
CA ASN A 202 12.94 -16.67 -9.69
C ASN A 202 11.76 -15.70 -9.70
N VAL A 203 11.14 -15.51 -10.86
CA VAL A 203 10.07 -14.54 -11.03
C VAL A 203 8.87 -15.25 -11.66
N ASN A 204 7.74 -15.21 -10.96
CA ASN A 204 6.51 -15.85 -11.39
C ASN A 204 5.42 -14.79 -11.53
N HIS A 205 4.76 -14.77 -12.68
CA HIS A 205 3.64 -13.89 -12.96
C HIS A 205 2.48 -14.77 -13.40
N LYS A 206 1.65 -15.19 -12.44
CA LYS A 206 0.56 -16.11 -12.76
C LYS A 206 -0.41 -15.59 -13.83
N PRO A 207 -0.77 -14.31 -13.90
CA PRO A 207 -1.79 -13.91 -14.88
C PRO A 207 -1.35 -14.05 -16.32
N SER A 208 -0.05 -14.03 -16.61
CA SER A 208 0.46 -14.14 -17.97
C SER A 208 0.97 -15.53 -18.32
N ASN A 209 1.04 -16.43 -17.34
CA ASN A 209 1.53 -17.80 -17.54
C ASN A 209 3.01 -17.81 -17.90
N THR A 210 3.80 -17.01 -17.19
CA THR A 210 5.24 -16.92 -17.41
C THR A 210 5.95 -17.07 -16.08
N LYS A 211 6.91 -17.99 -16.04
CA LYS A 211 7.85 -18.10 -14.93
C LYS A 211 9.25 -18.17 -15.55
N VAL A 212 10.17 -17.33 -15.06
CA VAL A 212 11.53 -17.28 -15.58
C VAL A 212 12.52 -17.25 -14.44
N ASP A 213 13.72 -17.74 -14.71
CA ASP A 213 14.86 -17.69 -13.78
C ASP A 213 15.98 -16.87 -14.42
N LYS A 214 16.58 -15.97 -13.65
CA LYS A 214 17.68 -15.14 -14.12
C LYS A 214 18.85 -15.28 -13.16
N LYS A 215 19.95 -15.88 -13.64
CA LYS A 215 21.18 -15.92 -12.85
C LYS A 215 21.80 -14.53 -12.78
N VAL A 216 22.24 -14.15 -11.57
CA VAL A 216 22.82 -12.84 -11.33
C VAL A 216 24.30 -13.00 -11.03
N GLU A 217 25.15 -12.31 -11.79
CA GLU A 217 26.58 -12.54 -11.78
C GLU A 217 27.32 -11.21 -11.87
N PRO A 218 28.56 -11.16 -11.38
CA PRO A 218 29.43 -9.98 -11.54
C PRO A 218 29.68 -9.62 -13.00
N GLU B 1 -19.12 18.53 3.01
CA GLU B 1 -17.79 19.10 2.87
C GLU B 1 -17.14 19.16 4.25
N ILE B 2 -17.60 18.32 5.16
CA ILE B 2 -16.90 18.22 6.43
C ILE B 2 -15.62 17.44 6.24
N VAL B 3 -14.55 17.93 6.85
CA VAL B 3 -13.23 17.33 6.76
C VAL B 3 -12.79 16.93 8.16
N LEU B 4 -12.53 15.64 8.36
CA LEU B 4 -11.92 15.15 9.57
C LEU B 4 -10.42 15.03 9.35
N THR B 5 -9.64 15.72 10.17
CA THR B 5 -8.18 15.80 10.02
C THR B 5 -7.53 15.06 11.17
N GLN B 6 -6.82 13.98 10.84
CA GLN B 6 -6.15 13.17 11.84
C GLN B 6 -4.70 13.61 11.99
N SER B 7 -4.19 13.55 13.22
CA SER B 7 -2.84 13.98 13.52
C SER B 7 -2.29 13.10 14.63
N PRO B 8 -0.99 12.77 14.61
CA PRO B 8 -0.10 13.07 13.50
C PRO B 8 -0.37 12.12 12.34
N GLY B 9 0.25 12.35 11.18
CA GLY B 9 0.10 11.41 10.08
C GLY B 9 0.67 10.05 10.42
N THR B 10 1.83 10.02 11.08
CA THR B 10 2.47 8.80 11.52
C THR B 10 2.93 8.99 12.96
N LEU B 11 2.73 7.98 13.79
CA LEU B 11 3.05 8.02 15.20
C LEU B 11 3.99 6.86 15.51
N SER B 12 5.16 7.17 16.07
CA SER B 12 6.25 6.21 16.21
C SER B 12 6.55 5.98 17.69
N LEU B 13 6.12 4.84 18.22
CA LEU B 13 6.31 4.53 19.63
C LEU B 13 6.87 3.13 19.78
N SER B 14 7.43 2.88 20.96
CA SER B 14 7.92 1.59 21.40
C SER B 14 6.75 0.72 21.89
N PRO B 15 6.89 -0.61 21.81
CA PRO B 15 5.85 -1.49 22.36
C PRO B 15 5.77 -1.36 23.88
N GLY B 16 4.54 -1.35 24.39
CA GLY B 16 4.26 -1.17 25.80
C GLY B 16 3.91 0.26 26.18
N GLU B 17 4.20 1.21 25.31
CA GLU B 17 4.03 2.64 25.52
C GLU B 17 2.61 3.05 25.10
N ARG B 18 2.15 4.16 25.64
CA ARG B 18 0.79 4.62 25.37
C ARG B 18 0.74 5.44 24.08
N ALA B 19 -0.32 5.26 23.31
CA ALA B 19 -0.53 5.95 22.05
C ALA B 19 -1.73 6.87 22.15
N THR B 20 -1.56 8.10 21.65
CA THR B 20 -2.64 9.08 21.59
C THR B 20 -2.82 9.53 20.15
N LEU B 21 -4.03 9.33 19.62
CA LEU B 21 -4.35 9.69 18.25
C LEU B 21 -5.49 10.70 18.26
N SER B 22 -5.42 11.70 17.39
CA SER B 22 -6.32 12.82 17.40
C SER B 22 -7.08 12.94 16.10
N CYS B 23 -8.32 13.43 16.20
CA CYS B 23 -9.21 13.63 15.06
C CYS B 23 -9.87 14.99 15.26
N ARG B 24 -9.55 15.94 14.39
CA ARG B 24 -10.15 17.27 14.45
C ARG B 24 -11.11 17.42 13.28
N ALA B 25 -12.31 17.92 13.56
CA ALA B 25 -13.35 18.09 12.56
C ALA B 25 -13.43 19.54 12.12
N SER B 26 -13.74 19.73 10.83
CA SER B 26 -13.89 21.09 10.31
C SER B 26 -15.06 21.80 10.95
N GLN B 27 -16.15 21.08 11.23
CA GLN B 27 -17.26 21.62 11.99
C GLN B 27 -17.63 20.62 13.08
N SER B 28 -18.50 21.05 13.98
CA SER B 28 -18.77 20.30 15.19
C SER B 28 -19.66 19.09 14.90
N VAL B 29 -19.26 17.93 15.43
CA VAL B 29 -20.10 16.73 15.39
C VAL B 29 -20.96 16.78 16.67
N GLY B 30 -22.07 17.50 16.58
CA GLY B 30 -22.88 17.74 17.76
C GLY B 30 -23.49 16.49 18.34
N SER B 31 -23.77 15.49 17.50
CA SER B 31 -24.33 14.22 17.94
C SER B 31 -23.31 13.31 18.62
N SER B 32 -22.02 13.60 18.46
CA SER B 32 -20.94 12.70 18.89
C SER B 32 -20.99 11.38 18.13
N TYR B 33 -21.58 11.39 16.94
CA TYR B 33 -21.58 10.23 16.05
C TYR B 33 -20.21 10.08 15.41
N LEU B 34 -19.23 9.76 16.24
CA LEU B 34 -17.85 9.58 15.79
C LEU B 34 -17.39 8.17 16.11
N ALA B 35 -16.80 7.50 15.11
CA ALA B 35 -16.30 6.14 15.26
C ALA B 35 -14.80 6.10 15.01
N TRP B 36 -14.14 5.12 15.62
CA TRP B 36 -12.74 4.81 15.33
C TRP B 36 -12.65 3.39 14.81
N TYR B 37 -11.84 3.19 13.78
CA TYR B 37 -11.66 1.87 13.18
C TYR B 37 -10.18 1.51 13.14
N GLN B 38 -9.90 0.22 13.34
CA GLN B 38 -8.55 -0.32 13.18
C GLN B 38 -8.47 -1.10 11.89
N GLN B 39 -7.38 -0.92 11.15
CA GLN B 39 -7.12 -1.69 9.94
C GLN B 39 -5.72 -2.28 10.06
N LYS B 40 -5.65 -3.57 10.37
CA LYS B 40 -4.38 -4.26 10.38
C LYS B 40 -3.91 -4.50 8.95
N PRO B 41 -2.59 -4.57 8.73
CA PRO B 41 -2.06 -4.76 7.37
C PRO B 41 -2.71 -5.91 6.61
N GLY B 42 -3.35 -5.60 5.50
CA GLY B 42 -3.94 -6.62 4.65
C GLY B 42 -5.28 -7.13 5.11
N GLN B 43 -6.01 -6.39 5.92
CA GLN B 43 -7.28 -6.83 6.46
C GLN B 43 -8.32 -5.73 6.31
N ALA B 44 -9.58 -6.13 6.35
CA ALA B 44 -10.65 -5.17 6.39
C ALA B 44 -10.71 -4.52 7.77
N PRO B 45 -11.18 -3.27 7.86
CA PRO B 45 -11.20 -2.58 9.15
C PRO B 45 -12.18 -3.23 10.12
N ARG B 46 -11.95 -2.96 11.42
CA ARG B 46 -12.85 -3.39 12.47
C ARG B 46 -13.20 -2.19 13.34
N LEU B 47 -14.48 -2.12 13.73
CA LEU B 47 -14.94 -1.03 14.57
C LEU B 47 -14.34 -1.14 15.96
N LEU B 48 -13.81 -0.03 16.48
CA LEU B 48 -13.22 0.03 17.81
C LEU B 48 -14.07 0.84 18.78
N ILE B 49 -14.38 2.09 18.42
CA ILE B 49 -15.09 3.02 19.28
C ILE B 49 -16.26 3.57 18.50
N TYR B 50 -17.42 3.69 19.15
CA TYR B 50 -18.57 4.40 18.61
C TYR B 50 -19.09 5.38 19.65
N GLY B 51 -19.92 6.31 19.20
CA GLY B 51 -20.42 7.40 20.03
C GLY B 51 -19.33 8.15 20.76
N ALA B 52 -18.10 8.01 20.25
CA ALA B 52 -16.90 8.75 20.61
C ALA B 52 -16.31 8.37 21.96
N PHE B 53 -17.00 7.54 22.75
CA PHE B 53 -16.39 7.00 23.95
C PHE B 53 -16.80 5.57 24.26
N SER B 54 -17.60 4.92 23.42
CA SER B 54 -18.18 3.62 23.72
C SER B 54 -17.39 2.52 23.03
N ARG B 55 -16.89 1.57 23.82
CA ARG B 55 -16.09 0.47 23.29
C ARG B 55 -17.00 -0.56 22.61
N ALA B 56 -16.63 -0.96 21.41
CA ALA B 56 -17.42 -1.96 20.69
C ALA B 56 -17.27 -3.34 21.34
N THR B 57 -18.25 -4.19 21.08
CA THR B 57 -18.23 -5.52 21.67
C THR B 57 -17.01 -6.30 21.18
N GLY B 58 -16.31 -6.93 22.11
CA GLY B 58 -15.13 -7.72 21.77
C GLY B 58 -13.88 -6.93 21.47
N ILE B 59 -13.78 -5.69 21.94
CA ILE B 59 -12.59 -4.87 21.75
C ILE B 59 -11.80 -4.86 23.05
N PRO B 60 -10.47 -5.10 23.00
CA PRO B 60 -9.67 -5.08 24.23
C PRO B 60 -9.84 -3.80 25.04
N ASP B 61 -9.57 -3.87 26.35
CA ASP B 61 -9.85 -2.74 27.25
C ASP B 61 -8.89 -1.57 27.07
N ARG B 62 -7.73 -1.80 26.43
CA ARG B 62 -6.73 -0.74 26.29
C ARG B 62 -7.12 0.31 25.26
N PHE B 63 -8.09 0.02 24.40
CA PHE B 63 -8.63 1.02 23.48
C PHE B 63 -9.72 1.82 24.17
N SER B 64 -9.73 3.13 23.91
CA SER B 64 -10.65 4.03 24.56
C SER B 64 -10.74 5.31 23.75
N GLY B 65 -11.93 5.89 23.73
CA GLY B 65 -12.20 7.11 23.00
C GLY B 65 -12.68 8.20 23.93
N SER B 66 -12.42 9.44 23.56
CA SER B 66 -12.81 10.59 24.36
C SER B 66 -12.89 11.81 23.45
N GLY B 67 -13.50 12.86 23.96
CA GLY B 67 -13.64 14.12 23.24
C GLY B 67 -15.09 14.41 22.89
N SER B 68 -15.26 15.57 22.25
CA SER B 68 -16.58 16.07 21.87
C SER B 68 -16.37 17.31 21.02
N GLY B 69 -17.45 17.75 20.37
CA GLY B 69 -17.40 18.93 19.53
C GLY B 69 -16.60 18.71 18.26
N THR B 70 -15.44 19.35 18.17
CA THR B 70 -14.58 19.27 17.01
C THR B 70 -13.32 18.45 17.25
N ASP B 71 -13.11 17.92 18.45
CA ASP B 71 -11.87 17.24 18.78
C ASP B 71 -12.16 15.91 19.47
N PHE B 72 -11.67 14.82 18.88
CA PHE B 72 -11.84 13.49 19.43
C PHE B 72 -10.49 12.80 19.48
N THR B 73 -10.34 11.92 20.46
CA THR B 73 -9.07 11.24 20.67
C THR B 73 -9.29 9.76 20.89
N LEU B 74 -8.39 8.95 20.33
CA LEU B 74 -8.33 7.52 20.59
C LEU B 74 -7.03 7.22 21.34
N THR B 75 -7.16 6.47 22.43
CA THR B 75 -6.03 6.16 23.30
C THR B 75 -5.83 4.64 23.32
N ILE B 76 -4.63 4.19 23.00
CA ILE B 76 -4.21 2.81 23.15
C ILE B 76 -3.24 2.79 24.32
N SER B 77 -3.63 2.16 25.42
CA SER B 77 -2.90 2.37 26.66
C SER B 77 -1.61 1.56 26.72
N ARG B 78 -1.56 0.40 26.07
CA ARG B 78 -0.36 -0.44 26.04
C ARG B 78 -0.29 -1.07 24.66
N LEU B 79 0.56 -0.51 23.80
CA LEU B 79 0.67 -0.99 22.42
C LEU B 79 1.20 -2.41 22.41
N GLU B 80 0.36 -3.37 22.02
CA GLU B 80 0.82 -4.72 21.73
C GLU B 80 1.35 -4.77 20.30
N PRO B 81 2.12 -5.81 19.96
CA PRO B 81 2.59 -5.92 18.57
C PRO B 81 1.45 -5.90 17.55
N GLU B 82 0.32 -6.52 17.87
CA GLU B 82 -0.83 -6.51 16.96
C GLU B 82 -1.46 -5.14 16.79
N ASP B 83 -1.10 -4.17 17.63
CA ASP B 83 -1.73 -2.84 17.59
C ASP B 83 -1.10 -1.89 16.60
N PHE B 84 0.01 -2.27 15.96
CA PHE B 84 0.71 -1.39 15.03
C PHE B 84 0.04 -1.48 13.66
N ALA B 85 -0.94 -0.61 13.45
CA ALA B 85 -1.80 -0.66 12.28
C ALA B 85 -2.08 0.79 11.86
N VAL B 86 -3.07 0.98 10.99
CA VAL B 86 -3.56 2.29 10.63
C VAL B 86 -4.94 2.47 11.26
N TYR B 87 -5.23 3.68 11.73
CA TYR B 87 -6.48 3.97 12.42
C TYR B 87 -7.21 5.10 11.71
N TYR B 88 -8.50 4.90 11.47
CA TYR B 88 -9.36 5.91 10.85
C TYR B 88 -10.42 6.37 11.84
N CYS B 89 -10.69 7.68 11.85
CA CYS B 89 -11.87 8.20 12.52
C CYS B 89 -12.96 8.45 11.48
N GLN B 90 -14.20 8.47 11.95
CA GLN B 90 -15.33 8.56 11.04
C GLN B 90 -16.50 9.22 11.73
N GLN B 91 -17.16 10.15 11.05
CA GLN B 91 -18.46 10.63 11.49
C GLN B 91 -19.54 9.90 10.71
N TYR B 92 -20.50 9.34 11.42
CA TYR B 92 -21.57 8.56 10.81
C TYR B 92 -22.91 9.21 11.12
N GLY B 93 -23.97 8.56 10.65
CA GLY B 93 -25.32 9.01 10.90
C GLY B 93 -25.87 10.03 9.91
N SER B 94 -25.04 10.58 9.04
CA SER B 94 -25.45 11.75 8.25
C SER B 94 -24.65 11.78 6.96
N SER B 95 -24.68 12.94 6.28
CA SER B 95 -24.65 13.06 4.82
C SER B 95 -23.58 12.23 4.11
N PRO B 96 -22.26 12.48 4.28
CA PRO B 96 -21.30 11.69 3.50
C PRO B 96 -20.69 10.49 4.21
N TRP B 97 -20.99 10.31 5.50
CA TRP B 97 -20.26 9.35 6.35
C TRP B 97 -18.74 9.50 6.19
N THR B 98 -18.26 10.74 6.33
CA THR B 98 -16.88 11.08 5.99
C THR B 98 -15.89 10.37 6.91
N PHE B 99 -14.73 10.01 6.34
CA PHE B 99 -13.62 9.40 7.05
C PHE B 99 -12.48 10.39 7.20
N GLY B 100 -11.67 10.21 8.25
CA GLY B 100 -10.38 10.85 8.32
C GLY B 100 -9.39 10.17 7.38
N GLN B 101 -8.23 10.81 7.19
CA GLN B 101 -7.25 10.27 6.27
C GLN B 101 -6.41 9.15 6.87
N GLY B 102 -6.42 9.00 8.18
CA GLY B 102 -5.79 7.85 8.82
C GLY B 102 -4.48 8.19 9.50
N THR B 103 -4.23 7.51 10.64
CA THR B 103 -2.98 7.63 11.38
C THR B 103 -2.34 6.25 11.48
N LYS B 104 -1.06 6.17 11.13
CA LYS B 104 -0.33 4.91 11.16
C LYS B 104 0.59 4.89 12.37
N VAL B 105 0.50 3.83 13.16
CA VAL B 105 1.35 3.65 14.34
C VAL B 105 2.40 2.61 14.00
N GLU B 106 3.65 3.06 13.90
CA GLU B 106 4.77 2.19 13.57
C GLU B 106 5.71 2.06 14.77
N ILE B 107 6.60 1.07 14.70
CA ILE B 107 7.45 0.72 15.82
C ILE B 107 8.67 1.64 15.85
N LYS B 108 8.95 2.21 17.02
CA LYS B 108 10.09 3.11 17.17
C LYS B 108 11.32 2.32 17.58
N ARG B 109 12.44 2.60 16.93
CA ARG B 109 13.73 2.02 17.25
C ARG B 109 14.79 3.12 17.17
N THR B 110 16.02 2.77 17.50
CA THR B 110 17.10 3.73 17.42
C THR B 110 17.52 3.94 15.96
N VAL B 111 18.09 5.12 15.69
CA VAL B 111 18.46 5.48 14.33
C VAL B 111 19.40 4.44 13.73
N ALA B 112 19.16 4.10 12.46
CA ALA B 112 20.02 3.21 11.69
C ALA B 112 20.35 3.88 10.37
N ALA B 113 21.65 3.96 10.05
CA ALA B 113 22.06 4.56 8.78
C ALA B 113 21.99 3.52 7.67
N PRO B 114 21.51 3.91 6.48
CA PRO B 114 21.37 2.95 5.39
C PRO B 114 22.69 2.56 4.76
N SER B 115 22.77 1.30 4.33
CA SER B 115 23.85 0.84 3.47
C SER B 115 23.45 1.11 2.03
N VAL B 116 24.30 1.82 1.29
CA VAL B 116 23.97 2.30 -0.05
C VAL B 116 24.68 1.46 -1.10
N PHE B 117 23.95 1.09 -2.14
CA PHE B 117 24.49 0.34 -3.27
C PHE B 117 23.97 0.96 -4.56
N ILE B 118 24.81 0.97 -5.58
CA ILE B 118 24.41 1.46 -6.90
C ILE B 118 24.55 0.31 -7.90
N PHE B 119 23.64 0.25 -8.87
CA PHE B 119 23.63 -0.82 -9.86
C PHE B 119 23.59 -0.19 -11.25
N PRO B 120 24.56 -0.48 -12.12
CA PRO B 120 24.48 -0.02 -13.50
C PRO B 120 23.43 -0.80 -14.27
N PRO B 121 22.88 -0.22 -15.33
CA PRO B 121 21.95 -0.99 -16.17
C PRO B 121 22.65 -2.20 -16.78
N SER B 122 21.91 -3.30 -16.88
CA SER B 122 22.48 -4.53 -17.38
C SER B 122 22.63 -4.50 -18.90
N ASP B 123 23.54 -5.33 -19.40
CA ASP B 123 23.71 -5.44 -20.84
C ASP B 123 22.43 -5.88 -21.52
N GLU B 124 21.66 -6.75 -20.87
CA GLU B 124 20.41 -7.21 -21.46
C GLU B 124 19.43 -6.06 -21.64
N GLN B 125 19.33 -5.18 -20.64
CA GLN B 125 18.43 -4.04 -20.78
C GLN B 125 18.89 -3.12 -21.89
N LEU B 126 20.20 -2.84 -21.97
CA LEU B 126 20.70 -1.98 -23.02
C LEU B 126 20.44 -2.57 -24.40
N LYS B 127 20.54 -3.89 -24.53
CA LYS B 127 20.23 -4.55 -25.80
C LYS B 127 18.76 -4.40 -26.18
N SER B 128 17.88 -4.16 -25.21
CA SER B 128 16.47 -3.90 -25.48
C SER B 128 16.15 -2.43 -25.72
N GLY B 129 17.11 -1.53 -25.49
CA GLY B 129 16.93 -0.13 -25.80
C GLY B 129 16.57 0.78 -24.65
N THR B 130 16.61 0.30 -23.40
CA THR B 130 16.34 1.12 -22.24
C THR B 130 17.55 1.09 -21.30
N ALA B 131 17.56 2.02 -20.35
CA ALA B 131 18.64 2.11 -19.37
C ALA B 131 18.04 2.51 -18.03
N SER B 132 18.20 1.64 -17.03
CA SER B 132 17.75 1.90 -15.68
C SER B 132 18.95 1.82 -14.74
N VAL B 133 19.14 2.86 -13.94
CA VAL B 133 20.16 2.87 -12.90
C VAL B 133 19.45 2.80 -11.56
N VAL B 134 19.95 1.94 -10.66
CA VAL B 134 19.26 1.61 -9.42
C VAL B 134 20.18 1.89 -8.24
N CYS B 135 19.66 2.62 -7.25
CA CYS B 135 20.35 2.87 -5.98
C CYS B 135 19.49 2.27 -4.87
N LEU B 136 20.13 1.53 -3.97
CA LEU B 136 19.43 0.83 -2.90
C LEU B 136 19.87 1.38 -1.54
N LEU B 137 18.90 1.75 -0.72
CA LEU B 137 19.12 2.17 0.67
C LEU B 137 18.65 1.02 1.56
N ASN B 138 19.57 0.38 2.26
CA ASN B 138 19.30 -0.87 2.95
C ASN B 138 19.23 -0.66 4.46
N ASN B 139 18.11 -1.06 5.06
CA ASN B 139 17.98 -1.25 6.50
C ASN B 139 18.29 0.02 7.29
N PHE B 140 17.47 1.04 7.07
CA PHE B 140 17.64 2.31 7.75
C PHE B 140 16.40 2.67 8.57
N TYR B 141 16.59 3.57 9.52
CA TYR B 141 15.52 4.10 10.34
C TYR B 141 15.96 5.47 10.83
N PRO B 142 15.07 6.47 10.84
CA PRO B 142 13.66 6.37 10.43
C PRO B 142 13.45 6.38 8.92
N ARG B 143 12.18 6.47 8.51
CA ARG B 143 11.83 6.22 7.12
C ARG B 143 12.26 7.35 6.19
N GLU B 144 12.36 8.57 6.70
CA GLU B 144 12.67 9.72 5.86
C GLU B 144 14.13 9.64 5.40
N ALA B 145 14.32 9.63 4.09
CA ALA B 145 15.63 9.78 3.47
C ALA B 145 15.46 10.59 2.19
N LYS B 146 16.57 11.05 1.62
CA LYS B 146 16.52 11.71 0.33
C LYS B 146 17.67 11.19 -0.53
N VAL B 147 17.39 10.95 -1.80
CA VAL B 147 18.34 10.39 -2.75
C VAL B 147 18.45 11.32 -3.94
N GLN B 148 19.65 11.84 -4.20
CA GLN B 148 19.90 12.64 -5.38
C GLN B 148 20.76 11.86 -6.37
N TRP B 149 20.40 11.96 -7.65
CA TRP B 149 21.16 11.36 -8.74
C TRP B 149 21.98 12.43 -9.45
N LYS B 150 23.23 12.08 -9.79
CA LYS B 150 24.12 12.98 -10.50
C LYS B 150 24.76 12.24 -11.66
N VAL B 151 24.47 12.69 -12.87
CA VAL B 151 25.10 12.15 -14.06
C VAL B 151 26.19 13.12 -14.46
N ASP B 152 27.43 12.74 -14.21
CA ASP B 152 28.59 13.61 -14.37
C ASP B 152 28.40 14.90 -13.57
N ASN B 153 28.05 14.73 -12.30
CA ASN B 153 27.86 15.85 -11.38
C ASN B 153 26.81 16.83 -11.88
N ALA B 154 25.80 16.31 -12.56
CA ALA B 154 24.64 17.10 -12.97
C ALA B 154 23.42 16.52 -12.30
N LEU B 155 22.72 17.34 -11.53
CA LEU B 155 21.64 16.88 -10.67
C LEU B 155 20.42 16.56 -11.50
N GLN B 156 19.92 15.33 -11.40
CA GLN B 156 18.72 14.93 -12.11
C GLN B 156 17.47 15.31 -11.32
N SER B 157 16.33 15.30 -12.01
CA SER B 157 15.05 15.62 -11.39
C SER B 157 13.92 15.24 -12.34
N GLY B 158 12.87 14.62 -11.79
CA GLY B 158 11.72 14.23 -12.55
C GLY B 158 11.86 12.95 -13.34
N ASN B 159 12.99 12.26 -13.25
CA ASN B 159 13.22 11.04 -14.01
C ASN B 159 13.61 9.87 -13.10
N SER B 160 13.25 9.93 -11.83
CA SER B 160 13.52 8.85 -10.89
C SER B 160 12.23 8.48 -10.17
N GLN B 161 12.13 7.22 -9.78
CA GLN B 161 11.02 6.73 -8.98
C GLN B 161 11.56 5.94 -7.80
N GLU B 162 10.81 5.97 -6.69
CA GLU B 162 11.26 5.34 -5.47
C GLU B 162 10.13 4.53 -4.84
N SER B 163 10.49 3.37 -4.31
CA SER B 163 9.57 2.52 -3.59
C SER B 163 10.21 2.18 -2.24
N VAL B 164 9.38 2.02 -1.22
CA VAL B 164 9.84 1.79 0.14
C VAL B 164 9.17 0.54 0.71
N THR B 165 9.95 -0.29 1.38
CA THR B 165 9.38 -1.46 2.02
C THR B 165 8.54 -1.04 3.21
N GLU B 166 7.69 -1.96 3.66
CA GLU B 166 7.07 -1.77 4.95
C GLU B 166 8.08 -2.12 6.04
N GLN B 167 7.76 -1.72 7.26
CA GLN B 167 8.69 -1.89 8.36
C GLN B 167 9.03 -3.37 8.55
N ASP B 168 10.32 -3.68 8.57
CA ASP B 168 10.77 -5.05 8.69
C ASP B 168 10.29 -5.66 10.00
N SER B 169 9.98 -6.96 9.96
CA SER B 169 9.43 -7.66 11.12
C SER B 169 10.52 -8.03 12.12
N LYS B 170 11.76 -8.25 11.67
CA LYS B 170 12.80 -8.67 12.60
C LYS B 170 13.51 -7.49 13.26
N ASP B 171 13.75 -6.39 12.54
CA ASP B 171 14.52 -5.28 13.08
C ASP B 171 13.87 -3.92 12.85
N SER B 172 12.65 -3.88 12.34
CA SER B 172 11.84 -2.66 12.25
C SER B 172 12.53 -1.53 11.49
N THR B 173 13.35 -1.87 10.49
CA THR B 173 13.94 -0.87 9.63
C THR B 173 13.17 -0.79 8.31
N TYR B 174 13.61 0.13 7.45
CA TYR B 174 13.05 0.30 6.13
C TYR B 174 14.14 0.11 5.08
N SER B 175 13.73 -0.26 3.88
CA SER B 175 14.61 -0.29 2.73
C SER B 175 13.96 0.52 1.62
N LEU B 176 14.81 1.11 0.79
CA LEU B 176 14.34 2.00 -0.26
C LEU B 176 15.13 1.71 -1.53
N SER B 177 14.43 1.71 -2.67
CA SER B 177 15.06 1.55 -3.97
C SER B 177 14.71 2.75 -4.85
N SER B 178 15.71 3.31 -5.51
CA SER B 178 15.51 4.42 -6.44
C SER B 178 15.99 4.00 -7.81
N THR B 179 15.18 4.29 -8.83
CA THR B 179 15.44 3.86 -10.19
C THR B 179 15.45 5.08 -11.10
N LEU B 180 16.62 5.39 -11.65
CA LEU B 180 16.77 6.48 -12.61
C LEU B 180 16.54 5.97 -14.01
N THR B 181 15.64 6.63 -14.74
CA THR B 181 15.31 6.26 -16.11
C THR B 181 16.02 7.20 -17.08
N LEU B 182 16.83 6.63 -17.97
CA LEU B 182 17.47 7.36 -19.05
C LEU B 182 17.18 6.64 -20.36
N SER B 183 17.22 7.40 -21.45
CA SER B 183 17.27 6.76 -22.75
C SER B 183 18.63 6.09 -22.91
N LYS B 184 18.65 4.99 -23.66
CA LYS B 184 19.91 4.30 -23.93
C LYS B 184 20.92 5.26 -24.55
N ALA B 185 20.48 6.13 -25.46
CA ALA B 185 21.37 7.12 -26.05
C ALA B 185 22.00 8.01 -24.98
N ASP B 186 21.19 8.47 -24.02
CA ASP B 186 21.72 9.34 -22.97
C ASP B 186 22.73 8.62 -22.10
N TYR B 187 22.42 7.38 -21.69
CA TYR B 187 23.34 6.64 -20.83
C TYR B 187 24.70 6.45 -21.49
N GLU B 188 24.71 6.27 -22.81
CA GLU B 188 25.96 6.07 -23.54
C GLU B 188 26.77 7.35 -23.71
N LYS B 189 26.17 8.52 -23.45
CA LYS B 189 26.87 9.78 -23.66
C LYS B 189 27.74 10.18 -22.47
N HIS B 190 27.28 9.90 -21.26
CA HIS B 190 27.92 10.38 -20.04
C HIS B 190 28.66 9.24 -19.33
N LYS B 191 29.63 9.62 -18.50
CA LYS B 191 30.58 8.69 -17.89
C LYS B 191 30.21 8.29 -16.46
N VAL B 192 30.07 9.27 -15.56
CA VAL B 192 30.01 9.01 -14.13
C VAL B 192 28.57 9.06 -13.66
N TYR B 193 28.11 8.00 -13.00
CA TYR B 193 26.77 7.92 -12.42
C TYR B 193 26.91 7.70 -10.92
N ALA B 194 26.29 8.59 -10.14
CA ALA B 194 26.37 8.58 -8.70
C ALA B 194 24.98 8.79 -8.11
N CYS B 195 24.72 8.15 -6.98
CA CYS B 195 23.55 8.46 -6.16
C CYS B 195 24.04 8.98 -4.82
N GLU B 196 23.46 10.09 -4.37
CA GLU B 196 23.87 10.75 -3.14
C GLU B 196 22.71 10.66 -2.16
N VAL B 197 22.98 10.09 -0.98
CA VAL B 197 21.96 9.80 0.02
C VAL B 197 22.19 10.66 1.24
N THR B 198 21.12 11.30 1.73
CA THR B 198 21.15 12.05 2.98
C THR B 198 20.16 11.41 3.94
N HIS B 199 20.63 11.09 5.14
CA HIS B 199 19.79 10.45 6.14
C HIS B 199 20.25 10.88 7.52
N GLN B 200 19.29 10.87 8.46
CA GLN B 200 19.58 11.21 9.85
C GLN B 200 20.82 10.47 10.38
N GLY B 201 20.95 9.19 10.05
CA GLY B 201 22.04 8.39 10.56
C GLY B 201 23.39 8.64 9.91
N LEU B 202 23.44 9.45 8.87
CA LEU B 202 24.69 9.77 8.17
C LEU B 202 25.18 11.14 8.63
N SER B 203 26.46 11.20 9.01
CA SER B 203 27.02 12.49 9.42
C SER B 203 27.06 13.47 8.25
N SER B 204 27.55 13.04 7.10
CA SER B 204 27.51 13.75 5.83
C SER B 204 26.99 12.81 4.74
N PRO B 205 26.44 13.35 3.65
CA PRO B 205 25.84 12.47 2.64
C PRO B 205 26.83 11.47 2.05
N VAL B 206 26.40 10.21 2.01
CA VAL B 206 27.19 9.13 1.44
C VAL B 206 26.89 9.06 -0.06
N THR B 207 27.95 8.99 -0.87
CA THR B 207 27.82 8.92 -2.32
C THR B 207 28.44 7.62 -2.82
N LYS B 208 27.66 6.84 -3.54
CA LYS B 208 28.13 5.65 -4.24
C LYS B 208 28.01 5.90 -5.73
N SER B 209 29.03 5.54 -6.50
CA SER B 209 29.07 5.87 -7.91
C SER B 209 29.74 4.77 -8.70
N PHE B 210 29.69 4.94 -10.02
CA PHE B 210 30.39 4.08 -10.96
C PHE B 210 30.53 4.84 -12.28
N ASN B 211 31.63 4.57 -12.97
CA ASN B 211 31.82 5.10 -14.32
C ASN B 211 31.42 4.03 -15.33
N ARG B 212 30.73 4.47 -16.39
CA ARG B 212 30.16 3.52 -17.34
C ARG B 212 31.26 2.73 -18.05
N GLY B 213 30.98 1.45 -18.27
CA GLY B 213 31.92 0.59 -18.97
C GLY B 213 33.11 0.15 -18.17
N GLU B 214 33.01 0.15 -16.84
CA GLU B 214 34.11 -0.29 -15.98
C GLU B 214 33.58 -1.19 -14.86
S SO4 C . -19.27 -4.07 -20.85
O1 SO4 C . -18.26 -4.70 -21.70
O2 SO4 C . -18.76 -4.02 -19.49
O3 SO4 C . -19.55 -2.72 -21.34
O4 SO4 C . -20.51 -4.84 -20.89
S SO4 D . -9.46 8.17 -15.43
O1 SO4 D . -8.11 7.98 -15.94
O2 SO4 D . -9.42 8.19 -13.96
O3 SO4 D . -9.99 9.44 -15.92
O4 SO4 D . -10.31 7.09 -15.88
S SO4 E . -30.90 -9.78 14.30
O1 SO4 E . -29.67 -10.36 13.77
O2 SO4 E . -30.69 -9.43 15.69
O3 SO4 E . -31.23 -8.57 13.54
O4 SO4 E . -32.00 -10.73 14.17
S SO4 F . -6.18 -5.31 27.31
O1 SO4 F . -4.88 -5.73 26.77
O2 SO4 F . -5.99 -4.74 28.64
O3 SO4 F . -6.77 -4.33 26.43
O4 SO4 F . -7.06 -6.48 27.40
#